data_2XYP
#
_entry.id   2XYP
#
_cell.length_a   69.569
_cell.length_b   83.782
_cell.length_c   95.805
_cell.angle_alpha   90.00
_cell.angle_beta   90.00
_cell.angle_gamma   90.00
#
_symmetry.space_group_name_H-M   'I 2 2 2'
#
loop_
_entity.id
_entity.type
_entity.pdbx_description
1 polymer 'CASPASE-3 SUBUNIT P17'
2 polymer 'CASPASE-3 SUBUNIT P12'
3 non-polymer 'PHENYLMETHYL N-[(2S)-4-CHLORO-3-OXO-1-PHENYL-BUTAN-2-YL]CARBAMATE'
4 water water
#
loop_
_entity_poly.entity_id
_entity_poly.type
_entity_poly.pdbx_seq_one_letter_code
_entity_poly.pdbx_strand_id
1 'polypeptide(L)'
;SGISLDNSYKMDYPEMGLCIIINNKNFHKSTGMTSRSGTDVDAANLRETFRNLKYEVRNKNDLTREEIVELMRDVSKEDH
SKRSSFVCVLLSHGEEGIIFGTNGPVDLKKITNFFRGDRCRSLTGKPKLFIIQACRGTELDCGIET
;
A
2 'polypeptide(L)'
;HKIPVEADFLYAYSTAPGYYSWRNSKDGSWFIQSLCAMLKQYADKLEFMHILTRVNRKVATEFESFSFDATFHAKKQIPC
IVSMLTKELYFYH
;
B
#
# COMPACT_ATOMS: atom_id res chain seq x y z
N SER A 1 -5.09 15.83 34.79
CA SER A 1 -5.69 16.53 33.63
C SER A 1 -7.13 16.08 33.41
N GLY A 2 -7.79 16.69 32.44
CA GLY A 2 -9.18 16.34 32.16
C GLY A 2 -9.33 14.96 31.57
N ILE A 3 -10.57 14.62 31.20
CA ILE A 3 -10.89 13.32 30.62
C ILE A 3 -9.98 13.00 29.44
N SER A 4 -9.41 11.80 29.46
CA SER A 4 -8.52 11.38 28.38
C SER A 4 -9.09 10.19 27.64
N LEU A 5 -9.28 10.35 26.34
CA LEU A 5 -9.79 9.28 25.51
C LEU A 5 -8.66 8.85 24.59
N ASP A 6 -8.61 7.56 24.27
CA ASP A 6 -7.56 7.05 23.40
C ASP A 6 -8.20 6.38 22.18
N ASN A 7 -8.92 7.18 21.41
CA ASN A 7 -9.60 6.68 20.23
C ASN A 7 -8.77 6.86 18.96
N SER A 8 -7.69 7.64 19.05
CA SER A 8 -6.83 7.90 17.91
C SER A 8 -5.37 7.55 18.21
N TYR A 9 -4.67 7.01 17.22
CA TYR A 9 -3.27 6.66 17.40
C TYR A 9 -2.46 7.92 17.68
N LYS A 10 -1.43 7.78 18.52
CA LYS A 10 -0.56 8.89 18.83
C LYS A 10 0.31 9.10 17.60
N MET A 11 0.10 10.22 16.92
CA MET A 11 0.84 10.52 15.70
C MET A 11 1.72 11.76 15.86
N ASP A 12 2.04 12.10 17.09
CA ASP A 12 2.87 13.27 17.35
C ASP A 12 4.27 12.92 17.85
N TYR A 13 4.75 11.73 17.50
CA TYR A 13 6.10 11.35 17.89
C TYR A 13 7.01 12.28 17.10
N PRO A 14 8.30 12.35 17.46
CA PRO A 14 9.22 13.23 16.74
C PRO A 14 9.19 13.01 15.23
N GLU A 15 9.00 11.77 14.82
CA GLU A 15 8.96 11.41 13.41
C GLU A 15 7.67 10.68 13.04
N MET A 16 7.15 10.94 11.85
CA MET A 16 5.94 10.26 11.41
C MET A 16 6.31 8.80 11.14
N GLY A 17 7.50 8.59 10.60
CA GLY A 17 7.97 7.25 10.33
C GLY A 17 8.49 7.06 8.92
N LEU A 18 8.89 5.83 8.60
CA LEU A 18 9.41 5.51 7.29
C LEU A 18 8.30 5.18 6.31
N CYS A 19 8.58 5.43 5.03
CA CYS A 19 7.67 5.09 3.94
C CYS A 19 8.58 4.41 2.93
N ILE A 20 8.58 3.07 2.95
CA ILE A 20 9.40 2.29 2.05
C ILE A 20 8.61 2.00 0.78
N ILE A 21 9.13 2.46 -0.37
CA ILE A 21 8.45 2.22 -1.63
C ILE A 21 9.27 1.27 -2.50
N ILE A 22 8.69 0.10 -2.78
CA ILE A 22 9.37 -0.87 -3.63
C ILE A 22 8.70 -0.81 -4.99
N ASN A 23 9.46 -0.31 -5.97
CA ASN A 23 8.98 -0.13 -7.32
C ASN A 23 9.64 -1.09 -8.30
N ASN A 24 8.93 -2.16 -8.64
CA ASN A 24 9.46 -3.15 -9.57
C ASN A 24 8.86 -2.96 -10.96
N LYS A 25 9.70 -2.52 -11.89
CA LYS A 25 9.30 -2.25 -13.26
C LYS A 25 9.86 -3.28 -14.23
N ASN A 26 11.15 -3.60 -14.07
CA ASN A 26 11.83 -4.56 -14.93
C ASN A 26 12.02 -5.90 -14.24
N PHE A 27 11.60 -6.97 -14.92
CA PHE A 27 11.73 -8.30 -14.37
C PHE A 27 12.65 -9.15 -15.23
N HIS A 28 13.34 -10.09 -14.60
CA HIS A 28 14.26 -10.97 -15.31
C HIS A 28 13.52 -11.69 -16.44
N LYS A 29 14.14 -11.69 -17.61
CA LYS A 29 13.56 -12.32 -18.79
C LYS A 29 13.06 -13.73 -18.50
N SER A 30 13.88 -14.49 -17.77
CA SER A 30 13.55 -15.86 -17.41
C SER A 30 12.18 -16.02 -16.74
N THR A 31 11.71 -14.97 -16.08
CA THR A 31 10.41 -15.05 -15.41
C THR A 31 9.29 -14.91 -16.43
N GLY A 32 9.60 -14.25 -17.55
CA GLY A 32 8.60 -14.07 -18.57
C GLY A 32 7.61 -12.99 -18.18
N MET A 33 8.00 -12.17 -17.21
CA MET A 33 7.14 -11.08 -16.75
C MET A 33 7.46 -9.81 -17.52
N THR A 34 6.41 -9.12 -17.96
CA THR A 34 6.56 -7.90 -18.74
C THR A 34 6.90 -6.70 -17.85
N SER A 35 7.46 -5.67 -18.47
CA SER A 35 7.82 -4.47 -17.75
C SER A 35 6.54 -3.75 -17.36
N ARG A 36 6.57 -3.07 -16.22
CA ARG A 36 5.39 -2.36 -15.74
C ARG A 36 5.49 -0.87 -16.07
N SER A 37 5.20 -0.55 -17.33
CA SER A 37 5.24 0.82 -17.82
C SER A 37 4.37 1.75 -16.99
N GLY A 38 4.91 2.94 -16.69
CA GLY A 38 4.17 3.91 -15.91
C GLY A 38 4.32 3.79 -14.41
N THR A 39 4.92 2.70 -13.93
CA THR A 39 5.08 2.52 -12.49
C THR A 39 5.94 3.61 -11.88
N ASP A 40 6.84 4.21 -12.67
CA ASP A 40 7.68 5.27 -12.16
C ASP A 40 6.81 6.48 -11.81
N VAL A 41 5.73 6.65 -12.56
CA VAL A 41 4.81 7.76 -12.30
C VAL A 41 4.23 7.54 -10.91
N ASP A 42 3.83 6.30 -10.62
CA ASP A 42 3.27 5.95 -9.30
C ASP A 42 4.30 6.18 -8.21
N ALA A 43 5.52 5.68 -8.43
CA ALA A 43 6.59 5.81 -7.46
C ALA A 43 6.88 7.27 -7.11
N ALA A 44 6.93 8.13 -8.11
CA ALA A 44 7.19 9.55 -7.89
C ALA A 44 6.03 10.23 -7.17
N ASN A 45 4.80 9.87 -7.54
CA ASN A 45 3.60 10.45 -6.93
C ASN A 45 3.57 10.13 -5.44
N LEU A 46 3.88 8.88 -5.09
CA LEU A 46 3.89 8.43 -3.70
C LEU A 46 4.99 9.12 -2.90
N ARG A 47 6.18 9.22 -3.49
CA ARG A 47 7.30 9.87 -2.82
C ARG A 47 6.93 11.29 -2.41
N GLU A 48 6.34 12.04 -3.35
CA GLU A 48 5.95 13.42 -3.07
C GLU A 48 4.79 13.50 -2.07
N THR A 49 3.79 12.66 -2.27
CA THR A 49 2.62 12.64 -1.40
C THR A 49 2.99 12.34 0.05
N PHE A 50 3.82 11.33 0.27
CA PHE A 50 4.22 11.00 1.62
C PHE A 50 5.26 11.95 2.18
N ARG A 51 6.01 12.59 1.29
CA ARG A 51 7.00 13.58 1.73
C ARG A 51 6.23 14.73 2.38
N ASN A 52 5.10 15.09 1.79
CA ASN A 52 4.30 16.19 2.31
C ASN A 52 3.58 15.82 3.61
N LEU A 53 3.51 14.52 3.91
CA LEU A 53 2.89 14.05 5.14
C LEU A 53 3.98 13.88 6.19
N LYS A 54 5.19 14.28 5.81
CA LYS A 54 6.37 14.24 6.68
C LYS A 54 6.94 12.85 6.95
N TYR A 55 6.79 11.95 5.98
CA TYR A 55 7.35 10.60 6.13
C TYR A 55 8.74 10.57 5.52
N GLU A 56 9.61 9.77 6.11
CA GLU A 56 10.98 9.61 5.62
C GLU A 56 10.85 8.57 4.51
N VAL A 57 10.76 9.03 3.26
CA VAL A 57 10.60 8.13 2.13
C VAL A 57 11.90 7.54 1.61
N ARG A 58 11.85 6.25 1.31
CA ARG A 58 12.99 5.54 0.75
C ARG A 58 12.47 4.74 -0.43
N ASN A 59 12.94 5.09 -1.62
CA ASN A 59 12.53 4.39 -2.83
C ASN A 59 13.55 3.32 -3.20
N LYS A 60 13.05 2.14 -3.55
CA LYS A 60 13.90 1.02 -3.96
C LYS A 60 13.34 0.54 -5.29
N ASN A 61 14.20 0.38 -6.28
CA ASN A 61 13.76 -0.05 -7.61
C ASN A 61 14.26 -1.42 -8.03
N ASP A 62 13.38 -2.17 -8.72
CA ASP A 62 13.71 -3.48 -9.24
C ASP A 62 14.45 -4.39 -8.26
N LEU A 63 13.76 -4.81 -7.20
CA LEU A 63 14.37 -5.69 -6.21
C LEU A 63 14.00 -7.15 -6.43
N THR A 64 14.98 -8.02 -6.27
CA THR A 64 14.76 -9.45 -6.42
C THR A 64 13.99 -9.91 -5.20
N ARG A 65 13.46 -11.13 -5.23
CA ARG A 65 12.71 -11.65 -4.11
C ARG A 65 13.62 -11.67 -2.87
N GLU A 66 14.90 -11.99 -3.10
CA GLU A 66 15.87 -12.03 -2.00
C GLU A 66 16.08 -10.63 -1.39
N GLU A 67 16.19 -9.63 -2.24
CA GLU A 67 16.42 -8.27 -1.77
C GLU A 67 15.22 -7.69 -1.03
N ILE A 68 14.02 -8.08 -1.45
CA ILE A 68 12.81 -7.59 -0.79
C ILE A 68 12.78 -8.11 0.65
N VAL A 69 13.00 -9.41 0.81
CA VAL A 69 13.01 -10.00 2.15
C VAL A 69 14.10 -9.41 3.03
N GLU A 70 15.27 -9.21 2.44
CA GLU A 70 16.40 -8.64 3.17
C GLU A 70 16.09 -7.21 3.62
N LEU A 71 15.51 -6.43 2.73
CA LEU A 71 15.17 -5.04 3.02
C LEU A 71 14.16 -4.95 4.16
N MET A 72 13.08 -5.72 4.05
CA MET A 72 12.03 -5.74 5.07
C MET A 72 12.58 -6.18 6.42
N ARG A 73 13.42 -7.22 6.40
CA ARG A 73 14.01 -7.72 7.64
C ARG A 73 14.85 -6.61 8.28
N ASP A 74 15.73 -5.99 7.49
CA ASP A 74 16.59 -4.92 8.00
C ASP A 74 15.77 -3.74 8.54
N VAL A 75 14.74 -3.35 7.81
CA VAL A 75 13.91 -2.23 8.23
C VAL A 75 13.20 -2.54 9.55
N SER A 76 12.71 -3.77 9.67
CA SER A 76 12.01 -4.18 10.89
C SER A 76 12.98 -4.25 12.08
N LYS A 77 14.28 -4.30 11.79
CA LYS A 77 15.30 -4.37 12.82
C LYS A 77 15.75 -2.98 13.29
N GLU A 78 15.29 -1.94 12.61
CA GLU A 78 15.63 -0.58 12.99
C GLU A 78 14.90 -0.20 14.26
N ASP A 79 15.36 0.86 14.92
CA ASP A 79 14.71 1.33 16.13
C ASP A 79 13.69 2.37 15.73
N HIS A 80 12.41 2.02 15.77
CA HIS A 80 11.33 2.93 15.39
C HIS A 80 10.72 3.62 16.61
N SER A 81 11.45 3.62 17.73
CA SER A 81 10.95 4.24 18.96
C SER A 81 10.44 5.66 18.82
N LYS A 82 11.15 6.48 18.04
CA LYS A 82 10.76 7.87 17.85
C LYS A 82 9.85 8.10 16.65
N ARG A 83 9.34 7.01 16.07
CA ARG A 83 8.47 7.10 14.90
C ARG A 83 7.02 6.73 15.25
N SER A 84 6.08 7.50 14.69
CA SER A 84 4.65 7.29 14.95
C SER A 84 4.05 6.09 14.24
N SER A 85 4.55 5.78 13.06
CA SER A 85 4.01 4.68 12.27
C SER A 85 5.02 4.14 11.28
N PHE A 86 4.54 3.24 10.43
CA PHE A 86 5.37 2.64 9.39
C PHE A 86 4.51 2.45 8.14
N VAL A 87 5.07 2.77 6.98
CA VAL A 87 4.35 2.62 5.73
C VAL A 87 5.22 1.90 4.71
N CYS A 88 4.64 0.93 4.03
CA CYS A 88 5.35 0.18 2.99
C CYS A 88 4.45 0.12 1.77
N VAL A 89 4.96 0.56 0.63
CA VAL A 89 4.20 0.54 -0.61
C VAL A 89 4.84 -0.44 -1.58
N LEU A 90 4.05 -1.37 -2.11
CA LEU A 90 4.55 -2.37 -3.04
C LEU A 90 3.91 -2.19 -4.41
N LEU A 91 4.75 -1.97 -5.41
CA LEU A 91 4.31 -1.79 -6.79
C LEU A 91 4.95 -2.89 -7.62
N SER A 92 4.15 -3.85 -8.08
CA SER A 92 4.71 -4.95 -8.85
C SER A 92 3.62 -5.87 -9.40
N HIS A 93 4.04 -6.95 -10.04
CA HIS A 93 3.11 -7.94 -10.55
C HIS A 93 2.74 -8.71 -9.28
N GLY A 94 1.65 -9.46 -9.33
CA GLY A 94 1.28 -10.23 -8.15
C GLY A 94 0.14 -11.21 -8.37
N GLU A 95 -0.16 -11.97 -7.34
CA GLU A 95 -1.25 -12.95 -7.35
C GLU A 95 -1.84 -12.87 -5.95
N GLU A 96 -2.92 -13.59 -5.69
CA GLU A 96 -3.51 -13.54 -4.35
C GLU A 96 -2.47 -13.92 -3.31
N GLY A 97 -2.23 -12.99 -2.38
CA GLY A 97 -1.28 -13.20 -1.31
C GLY A 97 0.18 -13.14 -1.69
N ILE A 98 0.47 -12.77 -2.94
CA ILE A 98 1.84 -12.72 -3.42
C ILE A 98 2.22 -11.43 -4.14
N ILE A 99 3.46 -11.01 -3.93
CA ILE A 99 4.01 -9.83 -4.59
C ILE A 99 5.26 -10.36 -5.27
N PHE A 100 5.50 -9.94 -6.51
CA PHE A 100 6.65 -10.44 -7.25
C PHE A 100 7.92 -9.62 -7.20
N GLY A 101 9.02 -10.31 -6.90
CA GLY A 101 10.32 -9.67 -6.92
C GLY A 101 10.64 -9.76 -8.40
N THR A 102 11.75 -9.17 -8.82
CA THR A 102 12.11 -9.21 -10.24
C THR A 102 12.47 -10.61 -10.74
N ASN A 103 12.81 -11.51 -9.82
CA ASN A 103 13.22 -12.86 -10.19
C ASN A 103 12.35 -13.95 -9.58
N GLY A 104 11.27 -13.57 -8.91
CA GLY A 104 10.42 -14.56 -8.31
C GLY A 104 9.44 -13.98 -7.30
N PRO A 105 8.52 -14.81 -6.78
CA PRO A 105 7.51 -14.38 -5.82
C PRO A 105 7.97 -14.26 -4.38
N VAL A 106 7.20 -13.49 -3.61
CA VAL A 106 7.43 -13.29 -2.20
C VAL A 106 6.05 -13.30 -1.55
N ASP A 107 5.86 -14.17 -0.56
CA ASP A 107 4.58 -14.23 0.15
C ASP A 107 4.41 -12.96 0.94
N LEU A 108 3.29 -12.27 0.78
CA LEU A 108 3.04 -11.05 1.52
C LEU A 108 3.15 -11.30 3.03
N LYS A 109 2.72 -12.47 3.48
CA LYS A 109 2.79 -12.80 4.90
C LYS A 109 4.23 -12.78 5.41
N LYS A 110 5.16 -13.22 4.57
CA LYS A 110 6.56 -13.24 4.97
C LYS A 110 7.05 -11.81 5.20
N ILE A 111 6.60 -10.91 4.34
CA ILE A 111 6.98 -9.50 4.44
C ILE A 111 6.38 -8.86 5.69
N THR A 112 5.08 -9.02 5.87
CA THR A 112 4.41 -8.41 7.03
C THR A 112 4.76 -9.06 8.37
N ASN A 113 5.14 -10.33 8.36
CA ASN A 113 5.51 -11.01 9.61
C ASN A 113 6.65 -10.32 10.35
N PHE A 114 7.59 -9.73 9.62
CA PHE A 114 8.72 -9.04 10.24
C PHE A 114 8.24 -7.91 11.16
N PHE A 115 7.05 -7.39 10.88
CA PHE A 115 6.50 -6.27 11.66
C PHE A 115 5.47 -6.64 12.72
N ARG A 116 5.28 -7.94 12.95
CA ARG A 116 4.35 -8.41 13.97
C ARG A 116 4.61 -7.73 15.30
N GLY A 117 3.56 -7.55 16.10
CA GLY A 117 3.71 -6.90 17.38
C GLY A 117 4.78 -7.50 18.27
N ASP A 118 5.07 -8.79 18.10
CA ASP A 118 6.10 -9.44 18.91
C ASP A 118 7.47 -9.52 18.25
N ARG A 119 7.55 -9.17 16.97
CA ARG A 119 8.82 -9.22 16.25
C ARG A 119 9.47 -7.86 15.99
N CYS A 120 8.68 -6.80 16.08
CA CYS A 120 9.20 -5.43 15.91
C CYS A 120 8.64 -4.64 17.08
N ARG A 121 9.32 -4.75 18.22
CA ARG A 121 8.89 -4.10 19.44
C ARG A 121 8.73 -2.58 19.40
N SER A 122 9.56 -1.90 18.60
CA SER A 122 9.47 -0.45 18.52
C SER A 122 8.27 0.03 17.70
N LEU A 123 7.52 -0.91 17.14
CA LEU A 123 6.32 -0.56 16.38
C LEU A 123 5.08 -1.14 17.04
N THR A 124 5.27 -1.86 18.14
CA THR A 124 4.13 -2.45 18.85
C THR A 124 3.17 -1.32 19.25
N GLY A 125 1.90 -1.48 18.94
CA GLY A 125 0.91 -0.46 19.28
C GLY A 125 0.81 0.68 18.29
N LYS A 126 1.69 0.68 17.29
CA LYS A 126 1.70 1.72 16.27
C LYS A 126 1.15 1.20 14.95
N PRO A 127 0.48 2.07 14.17
CA PRO A 127 -0.08 1.66 12.88
C PRO A 127 0.98 1.27 11.86
N LYS A 128 0.78 0.10 11.25
CA LYS A 128 1.67 -0.44 10.24
C LYS A 128 0.83 -0.56 8.97
N LEU A 129 1.13 0.31 8.00
CA LEU A 129 0.37 0.37 6.76
C LEU A 129 1.08 -0.23 5.56
N PHE A 130 0.41 -1.14 4.88
CA PHE A 130 0.94 -1.76 3.67
C PHE A 130 0.00 -1.44 2.52
N ILE A 131 0.53 -0.73 1.53
CA ILE A 131 -0.25 -0.32 0.37
C ILE A 131 0.22 -1.20 -0.78
N ILE A 132 -0.71 -1.98 -1.33
CA ILE A 132 -0.36 -2.93 -2.38
C ILE A 132 -1.00 -2.72 -3.76
N GLN A 133 -0.17 -2.30 -4.70
CA GLN A 133 -0.61 -2.09 -6.08
C GLN A 133 -0.07 -3.30 -6.84
N ALA A 134 -0.91 -4.32 -6.96
CA ALA A 134 -0.56 -5.56 -7.65
C ALA A 134 -1.81 -6.40 -7.82
N CYS A 135 -1.82 -7.25 -8.85
CA CYS A 135 -2.96 -8.12 -9.09
C CYS A 135 -3.11 -9.09 -7.93
N ARG A 136 -4.33 -9.56 -7.72
CA ARG A 136 -4.61 -10.53 -6.66
C ARG A 136 -5.28 -11.72 -7.34
N GLY A 137 -5.07 -11.82 -8.65
CA GLY A 137 -5.68 -12.88 -9.41
C GLY A 137 -5.88 -12.39 -10.84
N THR A 138 -6.69 -13.10 -11.60
CA THR A 138 -6.93 -12.73 -12.99
C THR A 138 -8.37 -12.32 -13.29
N GLU A 139 -9.24 -12.37 -12.30
CA GLU A 139 -10.64 -12.00 -12.50
C GLU A 139 -10.80 -10.56 -12.97
N LEU A 140 -11.78 -10.33 -13.84
CA LEU A 140 -12.07 -9.00 -14.37
C LEU A 140 -13.50 -8.62 -13.99
N ASP A 141 -13.67 -7.40 -13.51
CA ASP A 141 -14.98 -6.91 -13.09
C ASP A 141 -15.68 -6.25 -14.28
N CYS A 142 -16.75 -6.88 -14.76
CA CYS A 142 -17.50 -6.36 -15.90
C CYS A 142 -18.31 -5.12 -15.55
N GLY A 143 -18.53 -4.92 -14.26
CA GLY A 143 -19.28 -3.76 -13.79
C GLY A 143 -20.76 -3.81 -14.15
N ILE A 144 -21.51 -2.84 -13.64
CA ILE A 144 -22.94 -2.75 -13.90
C ILE A 144 -23.30 -1.28 -14.16
N GLU A 145 -24.12 -1.05 -15.18
CA GLU A 145 -24.52 0.30 -15.52
C GLU A 145 -25.43 0.86 -14.43
N THR A 146 -25.18 2.10 -14.02
CA THR A 146 -25.98 2.74 -12.97
C THR A 146 -26.96 3.75 -13.54
N HIS B 1 -3.47 -7.66 29.22
CA HIS B 1 -2.02 -7.35 29.35
C HIS B 1 -1.29 -7.55 28.03
N LYS B 2 -1.96 -8.15 27.06
CA LYS B 2 -1.37 -8.40 25.76
C LYS B 2 -2.29 -7.92 24.63
N ILE B 3 -1.72 -7.79 23.45
CA ILE B 3 -2.49 -7.41 22.26
C ILE B 3 -2.11 -8.45 21.21
N PRO B 4 -2.98 -8.68 20.22
CA PRO B 4 -2.69 -9.66 19.17
C PRO B 4 -1.47 -9.23 18.37
N VAL B 5 -0.65 -10.18 17.94
CA VAL B 5 0.53 -9.84 17.17
C VAL B 5 0.15 -9.33 15.77
N GLU B 6 -1.08 -9.62 15.36
CA GLU B 6 -1.57 -9.19 14.05
C GLU B 6 -2.33 -7.86 14.13
N ALA B 7 -2.44 -7.31 15.33
CA ALA B 7 -3.15 -6.04 15.52
C ALA B 7 -2.34 -4.85 15.02
N ASP B 8 -3.06 -3.78 14.70
CA ASP B 8 -2.48 -2.53 14.23
C ASP B 8 -1.85 -2.56 12.84
N PHE B 9 -2.40 -3.40 11.97
CA PHE B 9 -1.97 -3.52 10.58
C PHE B 9 -3.13 -3.04 9.72
N LEU B 10 -2.81 -2.37 8.63
CA LEU B 10 -3.81 -1.89 7.68
C LEU B 10 -3.26 -2.25 6.31
N TYR B 11 -4.06 -2.98 5.52
CA TYR B 11 -3.64 -3.37 4.18
C TYR B 11 -4.56 -2.68 3.18
N ALA B 12 -4.00 -1.72 2.43
CA ALA B 12 -4.78 -1.01 1.44
C ALA B 12 -4.50 -1.65 0.08
N TYR B 13 -5.34 -2.61 -0.29
CA TYR B 13 -5.19 -3.31 -1.55
C TYR B 13 -5.81 -2.52 -2.69
N SER B 14 -5.14 -2.52 -3.83
CA SER B 14 -5.61 -1.80 -5.00
C SER B 14 -6.84 -2.45 -5.62
N THR B 15 -7.06 -3.72 -5.31
CA THR B 15 -8.17 -4.44 -5.90
C THR B 15 -8.75 -5.53 -4.98
N ALA B 16 -9.93 -6.01 -5.31
CA ALA B 16 -10.60 -7.05 -4.52
C ALA B 16 -9.90 -8.40 -4.64
N PRO B 17 -10.09 -9.28 -3.65
CA PRO B 17 -9.45 -10.60 -3.69
C PRO B 17 -9.75 -11.34 -5.00
N GLY B 18 -8.71 -11.91 -5.59
CA GLY B 18 -8.86 -12.67 -6.82
C GLY B 18 -8.92 -11.87 -8.11
N TYR B 19 -8.95 -10.53 -8.00
CA TYR B 19 -9.03 -9.68 -9.18
C TYR B 19 -7.75 -9.06 -9.72
N TYR B 20 -7.85 -8.70 -10.99
CA TYR B 20 -6.79 -8.03 -11.74
C TYR B 20 -6.71 -6.61 -11.20
N SER B 21 -5.56 -5.96 -11.37
CA SER B 21 -5.39 -4.58 -10.92
C SER B 21 -4.96 -3.77 -12.14
N TRP B 22 -5.74 -2.74 -12.46
CA TRP B 22 -5.47 -1.91 -13.63
C TRP B 22 -4.44 -0.79 -13.49
N ARG B 23 -3.68 -0.61 -14.56
CA ARG B 23 -2.64 0.40 -14.63
C ARG B 23 -2.66 1.11 -15.97
N ASN B 24 -2.40 2.41 -15.95
CA ASN B 24 -2.35 3.20 -17.18
C ASN B 24 -0.89 3.61 -17.34
N SER B 25 -0.27 3.14 -18.41
CA SER B 25 1.14 3.41 -18.68
C SER B 25 1.54 4.88 -18.60
N LYS B 26 0.60 5.78 -18.90
CA LYS B 26 0.90 7.21 -18.88
C LYS B 26 0.58 7.90 -17.56
N ASP B 27 -0.57 7.57 -16.96
CA ASP B 27 -1.00 8.21 -15.73
C ASP B 27 -0.65 7.42 -14.46
N GLY B 28 -0.26 6.16 -14.62
CA GLY B 28 0.06 5.34 -13.46
C GLY B 28 -1.14 4.47 -13.15
N SER B 29 -1.05 3.65 -12.11
CA SER B 29 -2.15 2.77 -11.75
C SER B 29 -3.37 3.56 -11.28
N TRP B 30 -4.55 3.01 -11.53
CA TRP B 30 -5.79 3.67 -11.12
C TRP B 30 -5.80 3.92 -9.62
N PHE B 31 -5.40 2.90 -8.87
CA PHE B 31 -5.37 2.96 -7.40
C PHE B 31 -4.40 3.99 -6.83
N ILE B 32 -3.13 3.91 -7.23
CA ILE B 32 -2.15 4.86 -6.69
C ILE B 32 -2.50 6.29 -7.10
N GLN B 33 -2.94 6.49 -8.34
CA GLN B 33 -3.33 7.81 -8.80
C GLN B 33 -4.37 8.38 -7.83
N SER B 34 -5.40 7.59 -7.59
CA SER B 34 -6.50 7.97 -6.72
C SER B 34 -6.11 8.13 -5.26
N LEU B 35 -5.26 7.23 -4.78
CA LEU B 35 -4.80 7.28 -3.39
C LEU B 35 -4.03 8.58 -3.12
N CYS B 36 -3.09 8.92 -3.99
CA CYS B 36 -2.32 10.14 -3.79
C CYS B 36 -3.19 11.39 -3.89
N ALA B 37 -4.15 11.38 -4.83
CA ALA B 37 -5.03 12.53 -4.98
C ALA B 37 -5.85 12.75 -3.72
N MET B 38 -6.39 11.67 -3.15
CA MET B 38 -7.20 11.78 -1.95
C MET B 38 -6.38 12.13 -0.71
N LEU B 39 -5.15 11.64 -0.63
CA LEU B 39 -4.30 11.98 0.52
C LEU B 39 -3.93 13.45 0.42
N LYS B 40 -3.64 13.92 -0.79
CA LYS B 40 -3.28 15.32 -0.99
C LYS B 40 -4.43 16.25 -0.60
N GLN B 41 -5.65 15.85 -0.94
CA GLN B 41 -6.82 16.66 -0.64
C GLN B 41 -7.43 16.51 0.74
N TYR B 42 -7.30 15.33 1.35
CA TYR B 42 -7.92 15.10 2.65
C TYR B 42 -7.06 14.67 3.84
N ALA B 43 -5.75 14.49 3.64
CA ALA B 43 -4.91 14.04 4.76
C ALA B 43 -4.94 14.98 5.96
N ASP B 44 -5.21 16.27 5.74
CA ASP B 44 -5.27 17.20 6.85
C ASP B 44 -6.70 17.46 7.30
N LYS B 45 -7.63 16.63 6.85
CA LYS B 45 -9.04 16.82 7.18
C LYS B 45 -9.84 15.56 7.59
N LEU B 46 -9.49 14.41 7.04
CA LEU B 46 -10.24 13.19 7.33
C LEU B 46 -9.45 12.05 7.95
N GLU B 47 -10.15 11.18 8.66
CA GLU B 47 -9.55 10.01 9.29
C GLU B 47 -9.17 9.08 8.14
N PHE B 48 -8.09 8.32 8.29
CA PHE B 48 -7.61 7.46 7.22
C PHE B 48 -8.62 6.53 6.55
N MET B 49 -9.46 5.85 7.32
CA MET B 49 -10.44 4.96 6.71
C MET B 49 -11.38 5.75 5.80
N HIS B 50 -11.72 6.96 6.19
CA HIS B 50 -12.61 7.78 5.38
C HIS B 50 -11.90 8.26 4.11
N ILE B 51 -10.59 8.48 4.20
CA ILE B 51 -9.83 8.89 3.02
C ILE B 51 -9.83 7.70 2.05
N LEU B 52 -9.55 6.51 2.57
CA LEU B 52 -9.53 5.31 1.74
C LEU B 52 -10.88 5.00 1.11
N THR B 53 -11.96 5.39 1.78
CA THR B 53 -13.29 5.15 1.24
C THR B 53 -13.48 6.05 0.02
N ARG B 54 -12.94 7.27 0.10
CA ARG B 54 -13.02 8.21 -1.02
C ARG B 54 -12.23 7.62 -2.18
N VAL B 55 -11.11 6.97 -1.86
CA VAL B 55 -10.29 6.32 -2.89
C VAL B 55 -11.11 5.22 -3.57
N ASN B 56 -11.84 4.45 -2.77
CA ASN B 56 -12.67 3.38 -3.32
C ASN B 56 -13.67 3.97 -4.32
N ARG B 57 -14.35 5.04 -3.93
CA ARG B 57 -15.34 5.66 -4.80
C ARG B 57 -14.73 6.23 -6.08
N LYS B 58 -13.57 6.87 -5.95
CA LYS B 58 -12.90 7.47 -7.11
C LYS B 58 -12.51 6.41 -8.13
N VAL B 59 -11.88 5.34 -7.67
CA VAL B 59 -11.46 4.26 -8.55
C VAL B 59 -12.68 3.59 -9.17
N ALA B 60 -13.69 3.34 -8.35
CA ALA B 60 -14.91 2.69 -8.80
C ALA B 60 -15.72 3.47 -9.84
N THR B 61 -15.77 4.78 -9.70
CA THR B 61 -16.56 5.59 -10.61
C THR B 61 -15.86 6.26 -11.78
N GLU B 62 -14.61 6.70 -11.57
CA GLU B 62 -13.89 7.42 -12.62
C GLU B 62 -13.04 6.64 -13.60
N PHE B 63 -12.88 5.34 -13.37
CA PHE B 63 -12.06 4.52 -14.25
C PHE B 63 -12.77 3.34 -14.90
N GLU B 64 -12.43 3.08 -16.16
CA GLU B 64 -12.98 1.96 -16.92
C GLU B 64 -11.97 1.66 -18.03
N SER B 65 -11.65 0.38 -18.21
CA SER B 65 -10.67 0.00 -19.21
C SER B 65 -11.17 0.11 -20.64
N PHE B 66 -10.24 0.34 -21.55
CA PHE B 66 -10.54 0.41 -22.98
C PHE B 66 -9.53 -0.52 -23.62
N SER B 67 -10.01 -1.50 -24.38
CA SER B 67 -9.11 -2.44 -25.03
C SER B 67 -9.64 -2.96 -26.35
N PHE B 68 -8.74 -3.22 -27.29
CA PHE B 68 -9.11 -3.76 -28.59
C PHE B 68 -9.48 -5.23 -28.36
N ASP B 69 -9.04 -5.77 -27.23
CA ASP B 69 -9.31 -7.15 -26.85
C ASP B 69 -10.60 -7.16 -26.03
N ALA B 70 -11.67 -7.73 -26.60
CA ALA B 70 -12.96 -7.77 -25.91
C ALA B 70 -12.86 -8.32 -24.49
N THR B 71 -11.95 -9.27 -24.28
CA THR B 71 -11.78 -9.87 -22.97
C THR B 71 -11.42 -8.86 -21.88
N PHE B 72 -10.62 -7.86 -22.24
CA PHE B 72 -10.17 -6.84 -21.30
C PHE B 72 -10.82 -5.48 -21.45
N HIS B 73 -11.85 -5.39 -22.28
CA HIS B 73 -12.52 -4.12 -22.53
C HIS B 73 -13.67 -3.79 -21.58
N ALA B 74 -13.80 -2.50 -21.26
CA ALA B 74 -14.86 -1.99 -20.41
C ALA B 74 -14.92 -2.61 -19.01
N LYS B 75 -13.76 -2.87 -18.42
CA LYS B 75 -13.72 -3.46 -17.09
C LYS B 75 -13.60 -2.40 -16.00
N LYS B 76 -14.03 -2.77 -14.79
CA LYS B 76 -14.02 -1.87 -13.65
C LYS B 76 -13.16 -2.42 -12.51
N GLN B 77 -12.99 -1.62 -11.47
CA GLN B 77 -12.15 -2.02 -10.34
C GLN B 77 -12.58 -1.38 -9.04
N ILE B 78 -12.55 -2.16 -7.96
CA ILE B 78 -12.88 -1.64 -6.64
C ILE B 78 -11.72 -2.00 -5.73
N PRO B 79 -11.13 -1.02 -5.03
CA PRO B 79 -10.02 -1.32 -4.13
C PRO B 79 -10.57 -2.10 -2.94
N CYS B 80 -9.68 -2.56 -2.07
CA CYS B 80 -10.09 -3.36 -0.94
C CYS B 80 -9.33 -2.95 0.33
N ILE B 81 -10.05 -2.33 1.26
CA ILE B 81 -9.45 -1.87 2.52
C ILE B 81 -9.53 -2.98 3.56
N VAL B 82 -8.39 -3.41 4.07
CA VAL B 82 -8.37 -4.47 5.08
C VAL B 82 -7.76 -3.91 6.36
N SER B 83 -8.59 -3.65 7.35
CA SER B 83 -8.11 -3.08 8.58
C SER B 83 -8.13 -3.93 9.83
N MET B 84 -6.97 -4.01 10.47
CA MET B 84 -6.79 -4.71 11.74
C MET B 84 -6.36 -3.64 12.73
N LEU B 85 -6.65 -2.38 12.39
CA LEU B 85 -6.30 -1.26 13.27
C LEU B 85 -7.20 -1.24 14.49
N THR B 86 -6.71 -0.67 15.57
CA THR B 86 -7.47 -0.61 16.82
C THR B 86 -7.84 0.81 17.24
N LYS B 87 -7.44 1.78 16.42
CA LYS B 87 -7.74 3.19 16.71
C LYS B 87 -7.90 3.95 15.40
N GLU B 88 -8.46 5.15 15.48
CA GLU B 88 -8.62 5.98 14.30
C GLU B 88 -7.24 6.53 13.99
N LEU B 89 -6.97 6.80 12.72
CA LEU B 89 -5.66 7.30 12.32
C LEU B 89 -5.76 8.61 11.55
N TYR B 90 -5.15 9.65 12.10
CA TYR B 90 -5.12 10.96 11.47
C TYR B 90 -3.65 11.29 11.23
N PHE B 91 -3.32 11.74 10.02
CA PHE B 91 -1.93 12.05 9.70
C PHE B 91 -1.48 13.36 10.35
N TYR B 92 -2.44 14.14 10.82
CA TYR B 92 -2.15 15.41 11.47
C TYR B 92 -2.44 15.28 12.97
N HIS B 93 -2.04 16.30 13.73
CA HIS B 93 -2.29 16.31 15.17
C HIS B 93 -2.50 17.74 15.65
#